data_7AKM
#
_entry.id   7AKM
#
_cell.length_a   65.620
_cell.length_b   89.270
_cell.length_c   112.030
_cell.angle_alpha   90.000
_cell.angle_beta   90.000
_cell.angle_gamma   90.000
#
_symmetry.space_group_name_H-M   'P 21 21 21'
#
loop_
_entity.id
_entity.type
_entity.pdbx_description
1 polymer 'Serine/threonine-protein kinase Chk1'
2 non-polymer 'PHOSPHOTHIOPHOSPHORIC ACID-ADENYLATE ESTER'
3 non-polymer 'MAGNESIUM ION'
4 non-polymer 1,2-ETHANEDIOL
5 non-polymer 'CITRIC ACID'
6 water water
#
_entity_poly.entity_id   1
_entity_poly.type   'polypeptide(L)'
_entity_poly.pdbx_seq_one_letter_code
;GPGSAVPFVEDWRLVQTLGEGAYGEVQLAVNRVTEEAVAVKIVDMKRAVDCPENIKKEICINKMLNHENVVKFYGHRREG
NIQYLFLEYCSGGELFDRIEPDIGMPEPDAQRFFHQLMAGVVYLHGIGITHRDIKPENLLLDERDNLKISDFGLATVFRY
NNRERLLNKMCGTLPYVAPELLKRREFHAEPVDVWSCGIVLTAMLAGELPWDQPSDSCQEYSDWKEKKTYLNPWKKIDSA
PLALLHKILVENPSARITIPDIKKDRWYNKPLKKGAKRPRVTSGGVSESPHHHHHHHH
;
_entity_poly.pdbx_strand_id   A,B
#
loop_
_chem_comp.id
_chem_comp.type
_chem_comp.name
_chem_comp.formula
AGS non-polymer 'PHOSPHOTHIOPHOSPHORIC ACID-ADENYLATE ESTER' 'C10 H16 N5 O12 P3 S'
CIT non-polymer 'CITRIC ACID' 'C6 H8 O7'
EDO non-polymer 1,2-ETHANEDIOL 'C2 H6 O2'
MG non-polymer 'MAGNESIUM ION' 'Mg 2'
#
# COMPACT_ATOMS: atom_id res chain seq x y z
N ALA A 5 22.96 -37.21 -17.88
CA ALA A 5 23.68 -37.67 -19.05
C ALA A 5 22.74 -38.24 -20.10
N VAL A 6 21.51 -38.55 -19.68
CA VAL A 6 20.52 -39.13 -20.58
C VAL A 6 19.61 -38.02 -21.11
N PRO A 7 18.90 -38.24 -22.21
CA PRO A 7 18.18 -37.14 -22.86
C PRO A 7 17.10 -36.53 -21.97
N PHE A 8 16.76 -35.28 -22.28
CA PHE A 8 15.67 -34.60 -21.59
C PHE A 8 14.37 -35.40 -21.68
N VAL A 9 14.06 -35.90 -22.87
CA VAL A 9 12.79 -36.58 -23.09
C VAL A 9 12.70 -37.91 -22.33
N GLU A 10 13.84 -38.50 -21.94
CA GLU A 10 13.76 -39.71 -21.14
C GLU A 10 13.39 -39.41 -19.69
N ASP A 11 13.67 -38.20 -19.22
CA ASP A 11 13.30 -37.82 -17.86
C ASP A 11 11.98 -37.06 -17.78
N TRP A 12 11.55 -36.43 -18.87
CA TRP A 12 10.45 -35.47 -18.81
C TRP A 12 9.43 -35.77 -19.90
N ARG A 13 8.17 -35.87 -19.50
CA ARG A 13 7.05 -36.01 -20.43
C ARG A 13 6.42 -34.65 -20.63
N LEU A 14 6.40 -34.18 -21.87
CA LEU A 14 5.70 -32.94 -22.20
C LEU A 14 4.21 -33.24 -22.27
N VAL A 15 3.43 -32.62 -21.38
CA VAL A 15 2.03 -32.96 -21.18
C VAL A 15 1.11 -31.98 -21.87
N GLN A 16 1.56 -30.73 -22.01
CA GLN A 16 0.66 -29.61 -22.30
C GLN A 16 1.46 -28.42 -22.79
N THR A 17 1.01 -27.83 -23.90
CA THR A 17 1.59 -26.57 -24.34
C THR A 17 1.00 -25.44 -23.51
N LEU A 18 1.85 -24.70 -22.81
CA LEU A 18 1.40 -23.61 -21.97
C LEU A 18 1.46 -22.27 -22.69
N GLY A 19 2.46 -22.10 -23.56
CA GLY A 19 2.59 -20.86 -24.31
C GLY A 19 3.52 -21.07 -25.48
N GLU A 20 3.33 -20.25 -26.52
CA GLU A 20 4.15 -20.31 -27.72
C GLU A 20 4.64 -18.91 -28.03
N GLY A 21 5.97 -18.75 -28.13
CA GLY A 21 6.58 -17.49 -28.46
C GLY A 21 7.32 -17.56 -29.79
N ALA A 22 7.95 -16.43 -30.13
CA ALA A 22 8.70 -16.34 -31.37
C ALA A 22 10.00 -17.14 -31.27
N TYR A 23 10.64 -17.12 -30.11
CA TYR A 23 11.94 -17.75 -29.94
C TYR A 23 11.91 -19.01 -29.08
N GLY A 24 10.78 -19.31 -28.43
CA GLY A 24 10.69 -20.50 -27.62
C GLY A 24 9.26 -20.97 -27.45
N GLU A 25 9.12 -22.11 -26.79
CA GLU A 25 7.84 -22.65 -26.38
C GLU A 25 7.94 -23.02 -24.90
N VAL A 26 6.81 -22.93 -24.20
CA VAL A 26 6.73 -23.32 -22.80
C VAL A 26 5.81 -24.53 -22.72
N GLN A 27 6.32 -25.62 -22.16
CA GLN A 27 5.56 -26.84 -21.98
C GLN A 27 5.41 -27.14 -20.50
N LEU A 28 4.27 -27.71 -20.14
CA LEU A 28 4.12 -28.36 -18.83
C LEU A 28 4.76 -29.73 -18.93
N ALA A 29 5.74 -29.99 -18.09
CA ALA A 29 6.51 -31.23 -18.11
C ALA A 29 6.31 -31.97 -16.80
N VAL A 30 6.15 -33.29 -16.89
CA VAL A 30 6.04 -34.15 -15.73
C VAL A 30 7.24 -35.09 -15.74
N ASN A 31 7.90 -35.20 -14.59
CA ASN A 31 9.04 -36.09 -14.48
C ASN A 31 8.57 -37.54 -14.55
N ARG A 32 9.21 -38.32 -15.41
CA ARG A 32 8.78 -39.69 -15.67
C ARG A 32 8.97 -40.62 -14.48
N VAL A 33 9.73 -40.21 -13.46
CA VAL A 33 9.89 -41.01 -12.24
C VAL A 33 9.40 -40.26 -11.00
N THR A 34 9.62 -38.94 -10.94
CA THR A 34 9.23 -38.17 -9.76
C THR A 34 7.78 -37.73 -9.80
N GLU A 35 7.20 -37.55 -11.00
CA GLU A 35 5.85 -37.03 -11.20
C GLU A 35 5.72 -35.57 -10.80
N GLU A 36 6.82 -34.90 -10.47
CA GLU A 36 6.74 -33.47 -10.16
C GLU A 36 6.50 -32.67 -11.44
N ALA A 37 5.66 -31.66 -11.32
CA ALA A 37 5.24 -30.84 -12.46
C ALA A 37 6.10 -29.60 -12.55
N VAL A 38 6.56 -29.30 -13.77
CA VAL A 38 7.46 -28.19 -14.03
C VAL A 38 7.05 -27.54 -15.34
N ALA A 39 7.30 -26.24 -15.45
CA ALA A 39 7.20 -25.52 -16.72
C ALA A 39 8.58 -25.46 -17.32
N VAL A 40 8.70 -25.88 -18.58
CA VAL A 40 9.97 -25.87 -19.30
C VAL A 40 9.83 -24.93 -20.48
N LYS A 41 10.65 -23.88 -20.51
CA LYS A 41 10.75 -23.02 -21.67
C LYS A 41 11.83 -23.60 -22.59
N ILE A 42 11.42 -24.00 -23.80
CA ILE A 42 12.30 -24.64 -24.77
C ILE A 42 12.66 -23.60 -25.81
N VAL A 43 13.96 -23.35 -26.00
CA VAL A 43 14.44 -22.27 -26.83
C VAL A 43 15.43 -22.82 -27.85
N ASP A 44 15.12 -22.65 -29.13
CA ASP A 44 16.01 -23.03 -30.21
C ASP A 44 16.96 -21.85 -30.46
N MET A 45 18.23 -22.02 -30.10
CA MET A 45 19.22 -20.95 -30.24
C MET A 45 19.62 -20.69 -31.68
N LYS A 46 19.03 -21.38 -32.66
CA LYS A 46 19.29 -21.09 -34.06
C LYS A 46 18.52 -19.88 -34.56
N ARG A 47 17.44 -19.50 -33.89
CA ARG A 47 16.50 -18.52 -34.44
C ARG A 47 17.01 -17.09 -34.34
N ALA A 48 18.17 -16.84 -33.72
CA ALA A 48 18.70 -15.49 -33.65
C ALA A 48 20.20 -15.57 -33.38
N VAL A 49 20.94 -14.60 -33.93
CA VAL A 49 22.39 -14.63 -33.87
C VAL A 49 22.87 -14.57 -32.43
N ASP A 50 22.30 -13.66 -31.64
CA ASP A 50 22.75 -13.44 -30.27
C ASP A 50 21.84 -14.09 -29.23
N CYS A 51 20.88 -14.91 -29.65
CA CYS A 51 20.10 -15.67 -28.69
C CYS A 51 20.98 -16.49 -27.75
N PRO A 52 22.04 -17.16 -28.21
CA PRO A 52 22.91 -17.86 -27.26
C PRO A 52 23.34 -17.00 -26.08
N GLU A 53 23.72 -15.73 -26.33
CA GLU A 53 24.15 -14.87 -25.24
C GLU A 53 22.97 -14.21 -24.54
N ASN A 54 21.86 -14.00 -25.24
CA ASN A 54 20.67 -13.46 -24.60
C ASN A 54 20.08 -14.46 -23.61
N ILE A 55 20.06 -15.74 -23.99
CA ILE A 55 19.51 -16.76 -23.10
C ILE A 55 20.47 -17.05 -21.95
N LYS A 56 21.78 -16.89 -22.19
CA LYS A 56 22.71 -17.03 -21.08
C LYS A 56 22.52 -15.91 -20.06
N LYS A 57 22.28 -14.69 -20.52
CA LYS A 57 21.98 -13.60 -19.59
C LYS A 57 20.68 -13.86 -18.84
N GLU A 58 19.65 -14.33 -19.54
CA GLU A 58 18.39 -14.63 -18.87
C GLU A 58 18.59 -15.67 -17.78
N ILE A 59 19.46 -16.65 -18.02
CA ILE A 59 19.70 -17.68 -17.03
C ILE A 59 20.46 -17.12 -15.83
N CYS A 60 21.44 -16.24 -16.09
CA CYS A 60 22.22 -15.67 -15.00
C CYS A 60 21.34 -14.79 -14.11
N ILE A 61 20.41 -14.05 -14.71
CA ILE A 61 19.48 -13.24 -13.92
C ILE A 61 18.56 -14.15 -13.13
N ASN A 62 18.04 -15.20 -13.76
CA ASN A 62 17.13 -16.12 -13.08
C ASN A 62 17.78 -16.72 -11.84
N LYS A 63 19.09 -17.01 -11.92
CA LYS A 63 19.77 -17.64 -10.80
C LYS A 63 19.96 -16.70 -9.61
N MET A 64 19.78 -15.40 -9.80
CA MET A 64 19.81 -14.45 -8.70
C MET A 64 18.49 -14.32 -7.96
N LEU A 65 17.40 -14.89 -8.49
CA LEU A 65 16.05 -14.59 -8.02
C LEU A 65 15.55 -15.66 -7.07
N ASN A 66 15.01 -15.23 -5.94
CA ASN A 66 14.34 -16.15 -5.02
C ASN A 66 13.35 -15.33 -4.19
N HIS A 67 12.11 -15.29 -4.65
CA HIS A 67 11.05 -14.53 -3.98
C HIS A 67 9.71 -15.15 -4.33
N GLU A 68 8.79 -15.09 -3.37
CA GLU A 68 7.48 -15.72 -3.53
C GLU A 68 6.63 -15.09 -4.64
N ASN A 69 6.98 -13.92 -5.13
CA ASN A 69 6.23 -13.26 -6.18
C ASN A 69 7.01 -13.19 -7.50
N VAL A 70 8.01 -14.05 -7.64
CA VAL A 70 8.79 -14.20 -8.86
C VAL A 70 8.81 -15.68 -9.21
N VAL A 71 8.51 -16.00 -10.48
CA VAL A 71 8.56 -17.38 -10.93
C VAL A 71 9.94 -17.95 -10.59
N LYS A 72 9.96 -19.10 -9.94
CA LYS A 72 11.23 -19.66 -9.48
C LYS A 72 11.93 -20.44 -10.59
N PHE A 73 13.23 -20.24 -10.66
CA PHE A 73 14.10 -20.92 -11.62
C PHE A 73 14.69 -22.16 -10.96
N TYR A 74 14.49 -23.32 -11.61
CA TYR A 74 14.96 -24.58 -11.06
C TYR A 74 16.28 -25.05 -11.66
N GLY A 75 16.62 -24.59 -12.85
CA GLY A 75 17.86 -25.00 -13.50
C GLY A 75 17.69 -24.94 -15.01
N HIS A 76 18.69 -25.46 -15.70
CA HIS A 76 18.71 -25.40 -17.15
C HIS A 76 19.53 -26.55 -17.72
N ARG A 77 19.19 -26.94 -18.94
CA ARG A 77 19.93 -27.93 -19.70
C ARG A 77 20.14 -27.42 -21.11
N ARG A 78 21.18 -27.93 -21.77
CA ARG A 78 21.41 -27.71 -23.18
C ARG A 78 21.50 -29.06 -23.88
N GLU A 79 20.90 -29.15 -25.06
CA GLU A 79 21.00 -30.32 -25.95
C GLU A 79 21.18 -29.76 -27.36
N GLY A 80 22.43 -29.62 -27.78
CA GLY A 80 22.71 -29.01 -29.07
C GLY A 80 22.32 -27.55 -29.06
N ASN A 81 21.48 -27.17 -30.02
CA ASN A 81 21.00 -25.80 -30.12
C ASN A 81 19.85 -25.50 -29.18
N ILE A 82 19.36 -26.49 -28.43
CA ILE A 82 18.16 -26.34 -27.61
C ILE A 82 18.56 -26.04 -26.17
N GLN A 83 17.96 -24.99 -25.62
CA GLN A 83 18.10 -24.62 -24.22
C GLN A 83 16.79 -24.91 -23.49
N TYR A 84 16.87 -25.68 -22.41
CA TYR A 84 15.72 -25.96 -21.56
C TYR A 84 15.85 -25.16 -20.27
N LEU A 85 14.83 -24.38 -19.93
CA LEU A 85 14.76 -23.66 -18.68
C LEU A 85 13.61 -24.22 -17.86
N PHE A 86 13.92 -24.73 -16.66
CA PHE A 86 12.92 -25.33 -15.77
C PHE A 86 12.43 -24.28 -14.79
N LEU A 87 11.12 -24.05 -14.77
CA LEU A 87 10.54 -22.97 -13.99
C LEU A 87 9.37 -23.48 -13.17
N GLU A 88 9.09 -22.75 -12.10
CA GLU A 88 7.93 -23.03 -11.26
C GLU A 88 6.66 -23.02 -12.09
N TYR A 89 5.93 -24.13 -12.10
CA TYR A 89 4.70 -24.19 -12.87
C TYR A 89 3.61 -23.37 -12.19
N CYS A 90 3.03 -22.42 -12.93
CA CYS A 90 2.00 -21.54 -12.38
C CYS A 90 0.65 -22.03 -12.90
N SER A 91 0.01 -22.87 -12.08
CA SER A 91 -1.24 -23.52 -12.45
C SER A 91 -2.34 -22.52 -12.80
N GLY A 92 -2.29 -21.30 -12.27
CA GLY A 92 -3.39 -20.36 -12.41
C GLY A 92 -3.41 -19.55 -13.69
N GLY A 93 -2.38 -19.67 -14.53
CA GLY A 93 -2.38 -18.97 -15.79
C GLY A 93 -1.93 -17.52 -15.67
N GLU A 94 -2.31 -16.74 -16.67
CA GLU A 94 -1.91 -15.34 -16.76
C GLU A 94 -2.91 -14.44 -16.04
N LEU A 95 -2.39 -13.40 -15.39
CA LEU A 95 -3.24 -12.32 -14.90
C LEU A 95 -4.12 -11.77 -16.01
N PHE A 96 -3.57 -11.73 -17.23
CA PHE A 96 -4.32 -11.19 -18.38
C PHE A 96 -5.70 -11.83 -18.52
N ASP A 97 -5.80 -13.13 -18.23
CA ASP A 97 -7.07 -13.83 -18.40
C ASP A 97 -8.04 -13.61 -17.25
N ARG A 98 -7.62 -12.93 -16.18
CA ARG A 98 -8.54 -12.49 -15.14
C ARG A 98 -9.11 -11.10 -15.40
N ILE A 99 -8.61 -10.41 -16.43
CA ILE A 99 -9.05 -9.07 -16.76
C ILE A 99 -10.18 -9.20 -17.79
N GLU A 100 -11.40 -8.95 -17.35
CA GLU A 100 -12.54 -8.97 -18.26
C GLU A 100 -12.47 -7.76 -19.19
N PRO A 101 -12.53 -7.93 -20.51
CA PRO A 101 -12.40 -6.78 -21.40
C PRO A 101 -13.44 -5.71 -21.11
N ASP A 102 -12.97 -4.46 -21.07
CA ASP A 102 -13.79 -3.28 -20.79
C ASP A 102 -14.37 -3.25 -19.38
N ILE A 103 -14.15 -4.29 -18.57
CA ILE A 103 -14.69 -4.38 -17.22
C ILE A 103 -13.58 -4.37 -16.18
N GLY A 104 -12.58 -5.21 -16.35
CA GLY A 104 -11.52 -5.34 -15.35
C GLY A 104 -11.83 -6.47 -14.38
N MET A 105 -11.78 -6.16 -13.09
CA MET A 105 -12.02 -7.16 -12.05
C MET A 105 -12.46 -6.43 -10.79
N PRO A 106 -13.02 -7.15 -9.82
CA PRO A 106 -13.39 -6.51 -8.55
C PRO A 106 -12.20 -5.80 -7.91
N GLU A 107 -12.46 -4.61 -7.40
CA GLU A 107 -11.41 -3.80 -6.80
C GLU A 107 -10.61 -4.53 -5.72
N PRO A 108 -11.22 -5.34 -4.85
CA PRO A 108 -10.40 -6.05 -3.85
C PRO A 108 -9.40 -7.00 -4.50
N ASP A 109 -9.78 -7.67 -5.59
CA ASP A 109 -8.85 -8.54 -6.30
C ASP A 109 -7.73 -7.73 -6.94
N ALA A 110 -8.08 -6.63 -7.60
CA ALA A 110 -7.07 -5.76 -8.18
C ALA A 110 -6.09 -5.28 -7.11
N GLN A 111 -6.61 -4.84 -5.96
CA GLN A 111 -5.72 -4.38 -4.90
C GLN A 111 -4.77 -5.49 -4.46
N ARG A 112 -5.29 -6.70 -4.28
CA ARG A 112 -4.47 -7.81 -3.81
C ARG A 112 -3.38 -8.15 -4.82
N PHE A 113 -3.73 -8.22 -6.10
CA PHE A 113 -2.73 -8.46 -7.13
C PHE A 113 -1.71 -7.32 -7.16
N PHE A 114 -2.17 -6.08 -6.97
CA PHE A 114 -1.23 -4.96 -6.96
C PHE A 114 -0.26 -5.08 -5.78
N HIS A 115 -0.76 -5.44 -4.60
CA HIS A 115 0.12 -5.64 -3.45
C HIS A 115 1.22 -6.64 -3.78
N GLN A 116 0.85 -7.77 -4.39
CA GLN A 116 1.82 -8.81 -4.68
C GLN A 116 2.79 -8.37 -5.78
N LEU A 117 2.28 -7.63 -6.77
CA LEU A 117 3.14 -7.09 -7.81
C LEU A 117 4.20 -6.16 -7.23
N MET A 118 3.78 -5.26 -6.34
CA MET A 118 4.73 -4.36 -5.69
C MET A 118 5.78 -5.15 -4.93
N ALA A 119 5.36 -6.19 -4.22
CA ALA A 119 6.31 -7.00 -3.46
C ALA A 119 7.38 -7.58 -4.38
N GLY A 120 6.98 -8.10 -5.53
CA GLY A 120 7.95 -8.67 -6.45
C GLY A 120 8.85 -7.62 -7.07
N VAL A 121 8.27 -6.48 -7.46
CA VAL A 121 9.09 -5.45 -8.08
C VAL A 121 10.07 -4.85 -7.07
N VAL A 122 9.62 -4.67 -5.81
CA VAL A 122 10.53 -4.21 -4.78
C VAL A 122 11.70 -5.19 -4.64
N TYR A 123 11.39 -6.49 -4.61
CA TYR A 123 12.44 -7.49 -4.52
C TYR A 123 13.41 -7.36 -5.68
N LEU A 124 12.89 -7.31 -6.90
CA LEU A 124 13.76 -7.21 -8.07
C LEU A 124 14.64 -5.97 -7.98
N HIS A 125 14.03 -4.81 -7.74
CA HIS A 125 14.80 -3.58 -7.67
C HIS A 125 15.80 -3.61 -6.52
N GLY A 126 15.51 -4.36 -5.46
CA GLY A 126 16.44 -4.46 -4.35
C GLY A 126 17.71 -5.22 -4.69
N ILE A 127 17.60 -6.21 -5.58
CA ILE A 127 18.78 -6.94 -6.04
C ILE A 127 19.33 -6.36 -7.32
N GLY A 128 18.80 -5.22 -7.74
CA GLY A 128 19.35 -4.48 -8.85
C GLY A 128 18.89 -4.93 -10.20
N ILE A 129 17.75 -5.62 -10.29
CA ILE A 129 17.22 -6.15 -11.53
C ILE A 129 15.99 -5.32 -11.93
N THR A 130 15.92 -4.95 -13.21
CA THR A 130 14.71 -4.38 -13.78
C THR A 130 14.14 -5.37 -14.79
N HIS A 131 12.82 -5.57 -14.73
CA HIS A 131 12.16 -6.55 -15.57
C HIS A 131 11.97 -6.02 -17.00
N ARG A 132 11.51 -4.79 -17.14
CA ARG A 132 11.43 -4.02 -18.37
C ARG A 132 10.26 -4.40 -19.29
N ASP A 133 9.44 -5.37 -18.91
CA ASP A 133 8.28 -5.71 -19.74
C ASP A 133 7.13 -6.16 -18.85
N ILE A 134 6.86 -5.40 -17.78
CA ILE A 134 5.78 -5.77 -16.90
C ILE A 134 4.44 -5.50 -17.59
N LYS A 135 3.61 -6.53 -17.65
CA LYS A 135 2.28 -6.46 -18.23
C LYS A 135 1.55 -7.74 -17.82
N PRO A 136 0.22 -7.76 -17.93
CA PRO A 136 -0.53 -8.91 -17.40
C PRO A 136 -0.17 -10.24 -18.02
N GLU A 137 0.35 -10.24 -19.26
CA GLU A 137 0.75 -11.49 -19.89
C GLU A 137 1.99 -12.10 -19.25
N ASN A 138 2.77 -11.31 -18.50
CA ASN A 138 3.98 -11.76 -17.83
C ASN A 138 3.81 -11.80 -16.32
N LEU A 139 2.58 -11.78 -15.84
CA LEU A 139 2.27 -11.92 -14.42
C LEU A 139 1.38 -13.15 -14.30
N LEU A 140 1.94 -14.23 -13.78
CA LEU A 140 1.26 -15.51 -13.72
C LEU A 140 0.73 -15.75 -12.31
N LEU A 141 -0.09 -16.79 -12.18
CA LEU A 141 -0.82 -17.08 -10.96
C LEU A 141 -0.65 -18.55 -10.62
N ASP A 142 -0.39 -18.82 -9.35
CA ASP A 142 -0.22 -20.19 -8.90
C ASP A 142 -1.58 -20.78 -8.50
N GLU A 143 -1.58 -21.96 -7.90
CA GLU A 143 -2.83 -22.64 -7.59
C GLU A 143 -3.67 -21.85 -6.57
N ARG A 144 -3.02 -21.03 -5.74
CA ARG A 144 -3.73 -20.18 -4.78
C ARG A 144 -3.84 -18.74 -5.27
N ASP A 145 -3.70 -18.52 -6.58
CA ASP A 145 -3.81 -17.20 -7.20
C ASP A 145 -2.83 -16.18 -6.63
N ASN A 146 -1.66 -16.64 -6.21
CA ASN A 146 -0.57 -15.73 -5.87
C ASN A 146 0.13 -15.29 -7.15
N LEU A 147 0.42 -13.99 -7.24
CA LEU A 147 1.02 -13.42 -8.44
C LEU A 147 2.52 -13.69 -8.47
N LYS A 148 3.03 -14.01 -9.66
CA LYS A 148 4.44 -14.31 -9.85
C LYS A 148 4.93 -13.63 -11.12
N ILE A 149 5.91 -12.75 -10.97
CA ILE A 149 6.49 -12.05 -12.12
C ILE A 149 7.23 -13.07 -12.98
N SER A 150 7.00 -13.00 -14.29
CA SER A 150 7.43 -14.04 -15.22
C SER A 150 8.20 -13.43 -16.39
N ASP A 151 9.11 -14.23 -16.93
CA ASP A 151 9.85 -13.92 -18.16
C ASP A 151 10.88 -12.82 -18.00
N PHE A 152 12.13 -13.19 -17.77
CA PHE A 152 13.22 -12.24 -17.60
C PHE A 152 14.09 -12.14 -18.84
N GLY A 153 13.51 -12.41 -20.02
CA GLY A 153 14.24 -12.33 -21.26
C GLY A 153 14.60 -10.92 -21.70
N LEU A 154 13.88 -9.91 -21.21
CA LEU A 154 14.23 -8.53 -21.44
C LEU A 154 14.83 -7.86 -20.20
N ALA A 155 14.95 -8.58 -19.10
CA ALA A 155 15.45 -8.00 -17.85
C ALA A 155 16.95 -7.74 -17.93
N THR A 156 17.40 -6.76 -17.16
CA THR A 156 18.80 -6.37 -17.15
C THR A 156 19.18 -5.84 -15.77
N VAL A 157 20.48 -5.74 -15.54
CA VAL A 157 21.02 -5.18 -14.31
C VAL A 157 21.02 -3.66 -14.44
N PHE A 158 20.43 -2.97 -13.46
CA PHE A 158 20.51 -1.53 -13.37
C PHE A 158 21.29 -1.05 -12.16
N ARG A 159 21.57 -1.93 -11.19
CA ARG A 159 22.45 -1.60 -10.08
C ARG A 159 23.34 -2.79 -9.80
N TYR A 160 24.65 -2.55 -9.73
CA TYR A 160 25.64 -3.59 -9.53
C TYR A 160 26.77 -3.02 -8.69
N ASN A 161 27.17 -3.77 -7.65
CA ASN A 161 28.22 -3.31 -6.74
C ASN A 161 27.92 -1.90 -6.24
N ASN A 162 26.64 -1.63 -5.98
CA ASN A 162 26.14 -0.38 -5.42
C ASN A 162 26.33 0.82 -6.36
N ARG A 163 26.46 0.58 -7.66
CA ARG A 163 26.51 1.65 -8.65
C ARG A 163 25.36 1.46 -9.63
N GLU A 164 24.57 2.50 -9.84
CA GLU A 164 23.44 2.44 -10.75
C GLU A 164 23.90 2.66 -12.18
N ARG A 165 23.34 1.87 -13.10
CA ARG A 165 23.47 2.07 -14.53
C ARG A 165 22.19 2.70 -15.08
N LEU A 166 22.32 3.82 -15.78
CA LEU A 166 21.20 4.31 -16.57
C LEU A 166 21.02 3.44 -17.80
N LEU A 167 19.77 3.29 -18.23
CA LEU A 167 19.44 2.50 -19.41
C LEU A 167 19.32 3.41 -20.64
N ASN A 168 19.54 2.82 -21.80
CA ASN A 168 19.42 3.55 -23.06
C ASN A 168 18.75 2.76 -24.16
N LYS A 169 18.29 1.53 -23.89
CA LYS A 169 17.70 0.69 -24.92
C LYS A 169 16.18 0.75 -24.84
N MET A 170 15.56 0.81 -26.01
CA MET A 170 14.11 0.79 -26.12
C MET A 170 13.62 -0.66 -26.14
N CYS A 171 12.76 -1.01 -25.19
CA CYS A 171 12.19 -2.34 -25.15
C CYS A 171 10.97 -2.32 -24.25
N GLY A 172 10.24 -3.43 -24.26
CA GLY A 172 8.98 -3.52 -23.56
C GLY A 172 7.82 -3.59 -24.52
N THR A 173 6.67 -3.03 -24.13
CA THR A 173 5.43 -3.11 -24.88
C THR A 173 4.80 -1.72 -24.86
N LEU A 174 4.50 -1.19 -26.05
CA LEU A 174 4.29 0.24 -26.19
C LEU A 174 3.19 0.79 -25.28
N PRO A 175 2.03 0.15 -25.10
CA PRO A 175 1.04 0.70 -24.17
C PRO A 175 1.52 0.75 -22.73
N TYR A 176 2.58 0.02 -22.37
CA TYR A 176 3.05 -0.05 -21.00
C TYR A 176 4.33 0.73 -20.75
N VAL A 177 4.99 1.26 -21.79
CA VAL A 177 6.29 1.89 -21.58
C VAL A 177 6.08 3.30 -21.05
N ALA A 178 7.02 3.76 -20.23
CA ALA A 178 7.01 5.11 -19.71
C ALA A 178 7.43 6.10 -20.79
N PRO A 179 6.90 7.32 -20.76
CA PRO A 179 7.21 8.26 -21.85
C PRO A 179 8.70 8.57 -22.01
N GLU A 180 9.49 8.52 -20.94
CA GLU A 180 10.92 8.84 -21.06
C GLU A 180 11.65 7.84 -21.94
N LEU A 181 11.12 6.63 -22.09
CA LEU A 181 11.72 5.64 -22.98
C LEU A 181 11.59 6.04 -24.44
N LEU A 182 10.57 6.85 -24.75
CA LEU A 182 10.32 7.33 -26.11
C LEU A 182 11.00 8.64 -26.43
N LYS A 183 11.54 9.33 -25.43
CA LYS A 183 11.97 10.71 -25.62
C LYS A 183 13.40 10.95 -25.17
N ARG A 184 13.82 10.37 -24.08
CA ARG A 184 15.14 10.61 -23.54
C ARG A 184 16.13 9.59 -24.09
N ARG A 185 17.40 10.02 -24.19
CA ARG A 185 18.44 9.09 -24.62
C ARG A 185 18.87 8.17 -23.48
N GLU A 186 18.83 8.65 -22.24
CA GLU A 186 19.13 7.83 -21.07
C GLU A 186 18.02 8.02 -20.03
N PHE A 187 17.76 6.97 -19.26
CA PHE A 187 16.72 7.04 -18.25
C PHE A 187 16.98 6.04 -17.13
N HIS A 188 16.48 6.39 -15.94
CA HIS A 188 16.56 5.51 -14.78
C HIS A 188 15.58 4.35 -14.92
N ALA A 189 16.00 3.17 -14.46
CA ALA A 189 15.23 1.96 -14.71
C ALA A 189 14.02 1.84 -13.81
N GLU A 190 14.14 2.22 -12.54
CA GLU A 190 13.05 1.94 -11.60
C GLU A 190 11.77 2.68 -11.95
N PRO A 191 11.79 3.97 -12.28
CA PRO A 191 10.53 4.65 -12.64
C PRO A 191 9.85 4.06 -13.86
N VAL A 192 10.59 3.37 -14.74
CA VAL A 192 9.98 2.74 -15.89
C VAL A 192 9.13 1.54 -15.45
N ASP A 193 9.67 0.72 -14.54
CA ASP A 193 8.89 -0.39 -14.00
C ASP A 193 7.70 0.11 -13.20
N VAL A 194 7.87 1.21 -12.46
CA VAL A 194 6.75 1.77 -11.71
C VAL A 194 5.62 2.16 -12.65
N TRP A 195 5.97 2.86 -13.74
CA TRP A 195 4.96 3.28 -14.71
C TRP A 195 4.17 2.10 -15.25
N SER A 196 4.87 1.02 -15.65
CA SER A 196 4.14 -0.11 -16.24
C SER A 196 3.24 -0.80 -15.22
N CYS A 197 3.65 -0.83 -13.94
CA CYS A 197 2.77 -1.34 -12.90
C CYS A 197 1.48 -0.53 -12.82
N GLY A 198 1.57 0.79 -13.02
CA GLY A 198 0.37 1.61 -13.01
C GLY A 198 -0.55 1.31 -14.17
N ILE A 199 0.02 1.03 -15.35
CA ILE A 199 -0.79 0.62 -16.49
C ILE A 199 -1.47 -0.71 -16.18
N VAL A 200 -0.72 -1.65 -15.61
CA VAL A 200 -1.31 -2.93 -15.18
C VAL A 200 -2.49 -2.67 -14.25
N LEU A 201 -2.31 -1.80 -13.25
CA LEU A 201 -3.41 -1.50 -12.33
C LEU A 201 -4.59 -0.87 -13.05
N THR A 202 -4.32 0.06 -13.99
CA THR A 202 -5.39 0.63 -14.79
C THR A 202 -6.16 -0.46 -15.52
N ALA A 203 -5.45 -1.42 -16.11
CA ALA A 203 -6.09 -2.51 -16.83
C ALA A 203 -6.91 -3.38 -15.89
N MET A 204 -6.40 -3.62 -14.68
CA MET A 204 -7.14 -4.44 -13.73
C MET A 204 -8.43 -3.77 -13.28
N LEU A 205 -8.44 -2.44 -13.18
CA LEU A 205 -9.59 -1.73 -12.66
C LEU A 205 -10.60 -1.31 -13.72
N ALA A 206 -10.18 -1.26 -14.99
CA ALA A 206 -11.05 -0.80 -16.06
C ALA A 206 -11.15 -1.78 -17.22
N GLY A 207 -10.29 -2.79 -17.29
CA GLY A 207 -10.34 -3.73 -18.38
C GLY A 207 -9.89 -3.19 -19.72
N GLU A 208 -9.24 -2.02 -19.74
CA GLU A 208 -8.74 -1.48 -20.99
C GLU A 208 -7.46 -0.70 -20.74
N LEU A 209 -6.66 -0.55 -21.78
CA LEU A 209 -5.46 0.26 -21.71
C LEU A 209 -5.78 1.69 -22.10
N PRO A 210 -5.20 2.67 -21.41
CA PRO A 210 -5.60 4.07 -21.65
C PRO A 210 -5.11 4.64 -22.97
N TRP A 211 -3.96 4.21 -23.49
CA TRP A 211 -3.41 4.80 -24.70
C TRP A 211 -2.55 3.80 -25.45
N ASP A 212 -2.44 4.01 -26.77
CA ASP A 212 -1.54 3.18 -27.56
C ASP A 212 -0.10 3.36 -27.13
N GLN A 213 0.25 4.53 -26.63
CA GLN A 213 1.62 5.00 -26.57
C GLN A 213 1.61 6.34 -25.85
N PRO A 214 2.41 6.53 -24.78
CA PRO A 214 2.38 7.83 -24.09
C PRO A 214 3.15 8.90 -24.84
N SER A 215 2.70 9.17 -26.06
CA SER A 215 3.32 10.14 -26.95
C SER A 215 2.54 11.45 -26.91
N ASP A 216 3.22 12.55 -27.22
CA ASP A 216 2.50 13.79 -27.47
C ASP A 216 1.53 13.62 -28.64
N SER A 217 1.85 12.72 -29.56
CA SER A 217 1.00 12.46 -30.72
C SER A 217 -0.30 11.77 -30.36
N CYS A 218 -0.41 11.16 -29.18
CA CYS A 218 -1.53 10.32 -28.83
C CYS A 218 -2.52 11.09 -28.00
N GLN A 219 -3.74 11.26 -28.52
CA GLN A 219 -4.74 12.10 -27.89
C GLN A 219 -5.15 11.55 -26.52
N GLU A 220 -5.24 10.23 -26.39
CA GLU A 220 -5.62 9.67 -25.10
C GLU A 220 -4.64 10.06 -24.02
N TYR A 221 -3.34 10.09 -24.34
CA TYR A 221 -2.36 10.50 -23.35
C TYR A 221 -2.49 11.99 -23.04
N SER A 222 -2.77 12.82 -24.05
CA SER A 222 -2.93 14.25 -23.79
C SER A 222 -4.15 14.52 -22.94
N ASP A 223 -5.24 13.77 -23.16
CA ASP A 223 -6.43 13.95 -22.32
C ASP A 223 -6.14 13.60 -20.87
N TRP A 224 -5.28 12.60 -20.65
CA TRP A 224 -4.88 12.25 -19.29
C TRP A 224 -4.06 13.37 -18.65
N LYS A 225 -3.09 13.90 -19.39
CA LYS A 225 -2.28 14.99 -18.86
C LYS A 225 -3.15 16.21 -18.54
N GLU A 226 -4.23 16.41 -19.29
CA GLU A 226 -5.21 17.44 -18.97
C GLU A 226 -6.25 16.96 -17.96
N LYS A 227 -6.06 15.77 -17.39
CA LYS A 227 -6.92 15.22 -16.36
C LYS A 227 -8.41 15.33 -16.73
N LYS A 228 -8.71 14.91 -17.96
CA LYS A 228 -10.09 14.69 -18.38
C LYS A 228 -10.53 13.29 -17.93
N THR A 229 -10.65 13.15 -16.61
CA THR A 229 -10.95 11.84 -16.03
C THR A 229 -12.45 11.53 -15.99
N TYR A 230 -13.29 12.37 -16.62
CA TYR A 230 -14.65 11.97 -16.95
C TYR A 230 -14.70 11.04 -18.16
N LEU A 231 -13.59 10.89 -18.88
CA LEU A 231 -13.53 9.97 -20.00
C LEU A 231 -13.07 8.60 -19.54
N ASN A 232 -13.27 7.61 -20.39
CA ASN A 232 -12.79 6.27 -20.09
C ASN A 232 -11.29 6.19 -20.36
N PRO A 233 -10.57 5.29 -19.66
CA PRO A 233 -11.04 4.34 -18.64
C PRO A 233 -11.22 4.93 -17.26
N TRP A 234 -10.87 6.21 -17.10
CA TRP A 234 -10.74 6.78 -15.77
C TRP A 234 -12.09 6.87 -15.05
N LYS A 235 -13.17 7.15 -15.78
CA LYS A 235 -14.47 7.26 -15.13
C LYS A 235 -14.91 5.94 -14.50
N LYS A 236 -14.36 4.82 -14.96
CA LYS A 236 -14.69 3.54 -14.34
C LYS A 236 -13.93 3.27 -13.04
N ILE A 237 -13.01 4.16 -12.66
CA ILE A 237 -12.07 3.88 -11.57
C ILE A 237 -12.43 4.78 -10.40
N ASP A 238 -12.69 4.17 -9.25
CA ASP A 238 -13.02 4.92 -8.05
C ASP A 238 -11.94 5.95 -7.76
N SER A 239 -12.34 7.06 -7.12
CA SER A 239 -11.43 8.17 -6.94
C SER A 239 -10.21 7.79 -6.10
N ALA A 240 -10.32 6.76 -5.25
CA ALA A 240 -9.17 6.42 -4.39
C ALA A 240 -8.06 5.77 -5.20
N PRO A 241 -8.28 4.67 -5.93
CA PRO A 241 -7.22 4.17 -6.81
C PRO A 241 -6.80 5.15 -7.88
N LEU A 242 -7.73 5.99 -8.35
CA LEU A 242 -7.39 6.98 -9.36
C LEU A 242 -6.40 8.01 -8.82
N ALA A 243 -6.50 8.35 -7.54
CA ALA A 243 -5.51 9.24 -6.94
C ALA A 243 -4.12 8.62 -6.98
N LEU A 244 -4.03 7.30 -6.80
CA LEU A 244 -2.74 6.63 -6.91
C LEU A 244 -2.23 6.67 -8.35
N LEU A 245 -3.09 6.33 -9.30
CA LEU A 245 -2.69 6.35 -10.71
C LEU A 245 -2.20 7.75 -11.11
N HIS A 246 -2.86 8.80 -10.61
CA HIS A 246 -2.38 10.16 -10.87
C HIS A 246 -0.96 10.37 -10.37
N LYS A 247 -0.54 9.62 -9.35
CA LYS A 247 0.81 9.73 -8.81
C LYS A 247 1.81 8.82 -9.53
N ILE A 248 1.33 7.70 -10.08
CA ILE A 248 2.20 6.81 -10.83
C ILE A 248 2.41 7.32 -12.24
N LEU A 249 1.33 7.61 -12.95
CA LEU A 249 1.41 7.92 -14.39
C LEU A 249 1.72 9.42 -14.59
N VAL A 250 2.88 9.79 -14.07
CA VAL A 250 3.40 11.16 -14.09
C VAL A 250 4.51 11.20 -15.12
N GLU A 251 4.45 12.17 -16.04
CA GLU A 251 5.32 12.15 -17.21
C GLU A 251 6.80 12.25 -16.82
N ASN A 252 7.14 13.22 -15.98
CA ASN A 252 8.52 13.41 -15.58
C ASN A 252 8.92 12.33 -14.58
N PRO A 253 9.86 11.44 -14.92
CA PRO A 253 10.20 10.35 -13.99
C PRO A 253 10.78 10.83 -12.67
N SER A 254 11.36 12.04 -12.62
CA SER A 254 11.89 12.56 -11.36
C SER A 254 10.77 12.95 -10.39
N ALA A 255 9.61 13.30 -10.91
CA ALA A 255 8.45 13.60 -10.07
C ALA A 255 7.56 12.40 -9.82
N ARG A 256 7.75 11.31 -10.57
CA ARG A 256 6.91 10.13 -10.43
C ARG A 256 7.06 9.52 -9.04
N ILE A 257 5.94 9.07 -8.48
CA ILE A 257 5.98 8.46 -7.15
C ILE A 257 6.91 7.24 -7.17
N THR A 258 7.64 7.05 -6.08
CA THR A 258 8.47 5.88 -5.86
C THR A 258 7.67 4.83 -5.09
N ILE A 259 8.19 3.61 -5.08
CA ILE A 259 7.44 2.50 -4.48
C ILE A 259 7.33 2.72 -2.97
N PRO A 260 8.38 3.11 -2.26
CA PRO A 260 8.21 3.41 -0.83
C PRO A 260 7.02 4.31 -0.56
N ASP A 261 6.74 5.25 -1.46
CA ASP A 261 5.61 6.14 -1.29
C ASP A 261 4.30 5.56 -1.80
N ILE A 262 4.35 4.69 -2.81
CA ILE A 262 3.17 3.91 -3.16
C ILE A 262 2.67 3.16 -1.93
N LYS A 263 3.60 2.62 -1.14
CA LYS A 263 3.24 1.88 0.06
C LYS A 263 2.58 2.75 1.13
N LYS A 264 2.68 4.07 0.99
CA LYS A 264 2.04 4.99 1.92
C LYS A 264 0.73 5.53 1.37
N ASP A 265 0.27 5.03 0.22
CA ASP A 265 -0.89 5.58 -0.46
C ASP A 265 -2.18 5.11 0.22
N ARG A 266 -3.16 6.02 0.28
CA ARG A 266 -4.42 5.74 0.94
C ARG A 266 -5.10 4.49 0.39
N TRP A 267 -5.28 4.44 -0.94
CA TRP A 267 -5.96 3.28 -1.52
C TRP A 267 -5.15 2.00 -1.30
N TYR A 268 -3.84 2.09 -1.49
CA TYR A 268 -2.96 0.95 -1.24
C TYR A 268 -3.22 0.34 0.13
N ASN A 269 -3.53 1.17 1.11
CA ASN A 269 -3.72 0.72 2.49
C ASN A 269 -5.17 0.66 2.90
N LYS A 270 -6.09 0.91 1.97
CA LYS A 270 -7.52 0.90 2.27
C LYS A 270 -8.02 -0.53 2.42
N PRO A 271 -8.64 -0.89 3.55
CA PRO A 271 -9.24 -2.23 3.66
C PRO A 271 -10.46 -2.34 2.76
N LEU A 272 -10.50 -3.39 1.95
CA LEU A 272 -11.56 -3.57 0.97
C LEU A 272 -12.28 -4.88 1.21
N LYS A 273 -13.60 -4.88 0.97
CA LYS A 273 -14.42 -6.06 1.13
C LYS A 273 -14.91 -6.54 -0.24
N LYS A 274 -15.07 -7.86 -0.35
CA LYS A 274 -15.51 -8.52 -1.58
C LYS A 274 -16.21 -7.62 -2.59
N ALA B 5 -20.60 36.46 8.53
CA ALA B 5 -21.32 37.16 7.47
C ALA B 5 -20.36 37.94 6.57
N VAL B 6 -19.09 38.00 6.97
CA VAL B 6 -18.06 38.70 6.20
C VAL B 6 -17.18 37.66 5.52
N PRO B 7 -16.41 38.04 4.50
CA PRO B 7 -15.63 37.04 3.76
C PRO B 7 -14.52 36.44 4.62
N PHE B 8 -14.27 35.14 4.42
CA PHE B 8 -13.19 34.47 5.13
C PHE B 8 -11.87 35.22 4.98
N VAL B 9 -11.57 35.68 3.77
CA VAL B 9 -10.33 36.40 3.51
C VAL B 9 -10.22 37.64 4.40
N GLU B 10 -11.35 38.21 4.82
CA GLU B 10 -11.30 39.42 5.62
C GLU B 10 -10.76 39.18 7.02
N ASP B 11 -11.00 37.99 7.58
CA ASP B 11 -10.54 37.69 8.94
C ASP B 11 -9.30 36.80 8.98
N TRP B 12 -9.03 36.03 7.93
CA TRP B 12 -7.98 35.01 7.96
C TRP B 12 -6.99 35.22 6.84
N ARG B 13 -5.72 35.01 7.16
CA ARG B 13 -4.62 35.11 6.21
C ARG B 13 -3.99 33.73 6.06
N LEU B 14 -4.12 33.14 4.87
CA LEU B 14 -3.58 31.82 4.62
C LEU B 14 -2.06 31.91 4.51
N VAL B 15 -1.37 31.16 5.37
CA VAL B 15 0.09 31.23 5.43
C VAL B 15 0.70 30.15 4.55
N GLN B 16 0.47 28.88 4.92
CA GLN B 16 1.14 27.75 4.28
C GLN B 16 0.16 26.60 4.17
N THR B 17 0.38 25.77 3.15
CA THR B 17 -0.39 24.54 3.00
C THR B 17 0.23 23.46 3.86
N LEU B 18 -0.60 22.77 4.65
CA LEU B 18 -0.13 21.73 5.56
C LEU B 18 -0.42 20.33 5.05
N GLY B 19 -1.25 20.19 4.03
CA GLY B 19 -1.57 18.89 3.48
C GLY B 19 -2.84 18.94 2.66
N GLU B 20 -3.01 17.94 1.81
CA GLU B 20 -4.18 17.83 0.95
C GLU B 20 -4.43 16.36 0.66
N GLY B 21 -5.67 15.92 0.83
CA GLY B 21 -6.07 14.55 0.54
C GLY B 21 -7.33 14.52 -0.32
N ALA B 22 -8.21 13.57 0.00
CA ALA B 22 -9.48 13.46 -0.72
C ALA B 22 -10.45 14.55 -0.30
N TYR B 23 -10.70 14.66 1.01
CA TYR B 23 -11.63 15.64 1.55
C TYR B 23 -11.48 17.01 0.89
N GLY B 24 -10.26 17.54 0.90
CA GLY B 24 -10.02 18.93 0.58
C GLY B 24 -8.59 19.28 0.91
N GLU B 25 -8.39 20.35 1.67
CA GLU B 25 -7.04 20.76 2.06
C GLU B 25 -7.07 21.33 3.46
N VAL B 26 -5.93 21.27 4.13
CA VAL B 26 -5.73 21.92 5.42
C VAL B 26 -4.66 22.97 5.22
N GLN B 27 -4.98 24.22 5.56
CA GLN B 27 -4.05 25.34 5.44
C GLN B 27 -3.76 25.90 6.81
N LEU B 28 -2.50 26.27 7.03
CA LEU B 28 -2.16 27.09 8.19
C LEU B 28 -2.63 28.51 7.93
N ALA B 29 -3.57 28.99 8.75
CA ALA B 29 -4.09 30.33 8.64
C ALA B 29 -3.79 31.09 9.92
N VAL B 30 -3.75 32.41 9.80
CA VAL B 30 -3.46 33.31 10.90
C VAL B 30 -4.57 34.34 10.98
N ASN B 31 -5.17 34.47 12.16
CA ASN B 31 -6.17 35.51 12.38
C ASN B 31 -5.53 36.88 12.17
N ARG B 32 -6.29 37.80 11.58
CA ARG B 32 -5.69 39.03 11.08
C ARG B 32 -5.51 40.10 12.14
N VAL B 33 -6.15 39.99 13.30
CA VAL B 33 -5.91 40.86 14.43
C VAL B 33 -5.26 40.09 15.59
N THR B 34 -5.79 38.89 15.86
CA THR B 34 -5.14 37.96 16.80
C THR B 34 -3.72 37.69 16.43
N GLU B 35 -3.44 37.45 15.15
CA GLU B 35 -2.26 36.81 14.62
C GLU B 35 -2.02 35.44 15.26
N GLU B 36 -3.06 34.87 15.88
CA GLU B 36 -3.02 33.46 16.28
C GLU B 36 -3.01 32.56 15.05
N ALA B 37 -2.23 31.49 15.12
CA ALA B 37 -2.20 30.48 14.07
C ALA B 37 -3.25 29.41 14.36
N VAL B 38 -3.86 28.89 13.29
CA VAL B 38 -4.81 27.79 13.40
C VAL B 38 -4.70 26.95 12.14
N ALA B 39 -5.07 25.68 12.25
CA ALA B 39 -5.25 24.82 11.09
C ALA B 39 -6.69 24.92 10.61
N VAL B 40 -6.88 25.18 9.32
CA VAL B 40 -8.20 25.30 8.73
C VAL B 40 -8.34 24.21 7.67
N LYS B 41 -9.32 23.33 7.84
CA LYS B 41 -9.67 22.35 6.82
C LYS B 41 -10.77 22.94 5.94
N ILE B 42 -10.54 22.96 4.63
CA ILE B 42 -11.41 23.61 3.68
C ILE B 42 -11.96 22.53 2.75
N VAL B 43 -13.29 22.48 2.61
CA VAL B 43 -13.96 21.43 1.86
C VAL B 43 -15.02 22.04 0.95
N ASP B 44 -14.90 21.79 -0.35
CA ASP B 44 -15.94 22.13 -1.32
C ASP B 44 -16.99 21.04 -1.27
N MET B 45 -18.13 21.32 -0.65
CA MET B 45 -19.15 20.28 -0.48
C MET B 45 -19.77 19.88 -1.81
N LYS B 46 -19.78 20.79 -2.79
CA LYS B 46 -20.46 20.50 -4.05
C LYS B 46 -19.57 19.70 -4.99
N ARG B 47 -18.27 19.99 -5.03
CA ARG B 47 -17.36 19.31 -5.94
C ARG B 47 -16.75 18.05 -5.33
N ALA B 48 -16.79 17.90 -4.02
CA ALA B 48 -16.08 16.80 -3.38
C ALA B 48 -16.59 15.45 -3.89
N VAL B 49 -15.71 14.44 -3.82
CA VAL B 49 -16.01 13.15 -4.45
C VAL B 49 -17.05 12.38 -3.64
N ASP B 50 -16.91 12.37 -2.31
CA ASP B 50 -17.75 11.51 -1.50
C ASP B 50 -19.09 12.17 -1.20
N CYS B 51 -19.28 12.69 0.02
CA CYS B 51 -20.60 13.18 0.41
C CYS B 51 -20.52 14.43 1.25
N PRO B 52 -21.43 15.40 1.04
CA PRO B 52 -21.46 16.57 1.93
C PRO B 52 -21.80 16.23 3.36
N GLU B 53 -22.51 15.12 3.61
CA GLU B 53 -22.74 14.70 4.97
C GLU B 53 -21.44 14.29 5.66
N ASN B 54 -20.40 13.95 4.90
CA ASN B 54 -19.13 13.57 5.49
C ASN B 54 -18.52 14.73 6.28
N ILE B 55 -18.28 15.86 5.61
CA ILE B 55 -17.68 17.00 6.28
C ILE B 55 -18.61 17.53 7.36
N LYS B 56 -19.92 17.45 7.16
CA LYS B 56 -20.86 17.84 8.21
C LYS B 56 -20.74 16.92 9.42
N LYS B 57 -20.54 15.62 9.20
CA LYS B 57 -20.38 14.70 10.32
C LYS B 57 -19.09 15.00 11.09
N GLU B 58 -17.99 15.25 10.37
CA GLU B 58 -16.74 15.55 11.05
C GLU B 58 -16.86 16.83 11.88
N ILE B 59 -17.63 17.80 11.40
CA ILE B 59 -17.82 19.03 12.16
C ILE B 59 -18.65 18.75 13.40
N CYS B 60 -19.73 17.98 13.25
CA CYS B 60 -20.60 17.72 14.39
C CYS B 60 -19.89 16.90 15.46
N ILE B 61 -19.06 15.94 15.04
CA ILE B 61 -18.29 15.17 16.02
C ILE B 61 -17.29 16.08 16.72
N ASN B 62 -16.62 16.96 15.97
CA ASN B 62 -15.65 17.87 16.59
C ASN B 62 -16.31 18.78 17.62
N LYS B 63 -17.56 19.19 17.38
CA LYS B 63 -18.26 20.05 18.34
C LYS B 63 -18.57 19.35 19.66
N MET B 64 -18.54 18.01 19.69
CA MET B 64 -18.77 17.28 20.92
C MET B 64 -17.52 17.11 21.78
N LEU B 65 -16.34 17.39 21.23
CA LEU B 65 -15.09 17.00 21.87
C LEU B 65 -14.47 18.14 22.65
N ASN B 66 -14.01 17.84 23.86
CA ASN B 66 -13.17 18.77 24.62
C ASN B 66 -12.26 17.92 25.49
N HIS B 67 -11.03 17.71 25.03
CA HIS B 67 -10.06 16.94 25.79
C HIS B 67 -8.66 17.36 25.36
N GLU B 68 -7.74 17.39 26.32
CA GLU B 68 -6.40 17.90 26.07
C GLU B 68 -5.55 17.00 25.17
N ASN B 69 -5.99 15.76 24.91
CA ASN B 69 -5.32 14.88 23.98
C ASN B 69 -6.12 14.66 22.70
N VAL B 70 -7.02 15.59 22.39
CA VAL B 70 -7.75 15.63 21.13
C VAL B 70 -7.49 17.00 20.52
N VAL B 71 -7.18 17.03 19.23
CA VAL B 71 -7.01 18.28 18.50
C VAL B 71 -8.23 19.16 18.75
N LYS B 72 -8.02 20.36 19.27
CA LYS B 72 -9.11 21.20 19.74
C LYS B 72 -9.86 21.84 18.57
N PHE B 73 -11.18 21.80 18.65
CA PHE B 73 -12.06 22.46 17.70
C PHE B 73 -12.17 23.93 18.08
N TYR B 74 -11.82 24.81 17.14
CA TYR B 74 -11.93 26.25 17.38
C TYR B 74 -13.25 26.80 16.86
N GLY B 75 -13.71 26.32 15.71
CA GLY B 75 -14.96 26.76 15.15
C GLY B 75 -15.10 26.29 13.72
N HIS B 76 -16.21 26.69 13.11
CA HIS B 76 -16.35 26.46 11.69
C HIS B 76 -17.19 27.57 11.08
N ARG B 77 -16.88 27.88 9.83
CA ARG B 77 -17.61 28.86 9.04
C ARG B 77 -18.02 28.21 7.73
N ARG B 78 -19.13 28.67 7.16
CA ARG B 78 -19.59 28.21 5.86
C ARG B 78 -19.80 29.42 4.97
N GLU B 79 -19.23 29.38 3.77
CA GLU B 79 -19.46 30.38 2.73
C GLU B 79 -20.03 29.62 1.53
N GLY B 80 -21.35 29.61 1.40
CA GLY B 80 -21.98 28.86 0.34
C GLY B 80 -21.74 27.37 0.54
N ASN B 81 -21.10 26.75 -0.44
CA ASN B 81 -20.77 25.33 -0.38
C ASN B 81 -19.36 25.08 0.15
N ILE B 82 -18.63 26.12 0.53
CA ILE B 82 -17.28 25.97 1.07
C ILE B 82 -17.38 25.89 2.59
N GLN B 83 -16.91 24.78 3.14
CA GLN B 83 -16.94 24.51 4.57
C GLN B 83 -15.55 24.75 5.15
N TYR B 84 -15.48 25.54 6.22
CA TYR B 84 -14.24 25.84 6.91
C TYR B 84 -14.30 25.25 8.31
N LEU B 85 -13.33 24.41 8.65
CA LEU B 85 -13.21 23.82 9.98
C LEU B 85 -11.90 24.26 10.59
N PHE B 86 -11.98 25.01 11.70
CA PHE B 86 -10.82 25.59 12.35
C PHE B 86 -10.39 24.70 13.51
N LEU B 87 -9.11 24.30 13.50
CA LEU B 87 -8.59 23.31 14.43
C LEU B 87 -7.28 23.80 15.04
N GLU B 88 -6.99 23.30 16.23
CA GLU B 88 -5.72 23.58 16.87
C GLU B 88 -4.56 23.27 15.93
N TYR B 89 -3.67 24.24 15.76
CA TYR B 89 -2.45 24.04 15.00
C TYR B 89 -1.41 23.38 15.89
N CYS B 90 -1.00 22.16 15.55
CA CYS B 90 -0.08 21.38 16.36
C CYS B 90 1.33 21.58 15.81
N SER B 91 2.08 22.48 16.46
CA SER B 91 3.39 22.90 15.99
C SER B 91 4.42 21.78 15.97
N GLY B 92 4.24 20.73 16.75
CA GLY B 92 5.22 19.68 16.87
C GLY B 92 5.22 18.62 15.79
N GLY B 93 4.29 18.71 14.83
CA GLY B 93 4.24 17.73 13.76
C GLY B 93 3.49 16.48 14.17
N GLU B 94 3.80 15.38 13.48
CA GLU B 94 3.15 14.10 13.71
C GLU B 94 4.03 13.18 14.55
N LEU B 95 3.37 12.22 15.22
CA LEU B 95 4.09 11.17 15.93
C LEU B 95 5.00 10.39 14.99
N PHE B 96 4.57 10.21 13.75
CA PHE B 96 5.37 9.51 12.75
C PHE B 96 6.81 9.98 12.75
N ASP B 97 7.03 11.28 12.87
CA ASP B 97 8.36 11.86 12.72
C ASP B 97 9.21 11.73 13.97
N ARG B 98 8.68 11.19 15.08
CA ARG B 98 9.47 10.88 16.26
C ARG B 98 9.87 9.41 16.30
N ILE B 99 9.50 8.64 15.30
CA ILE B 99 9.76 7.21 15.23
C ILE B 99 10.94 7.01 14.27
N GLU B 100 12.08 6.61 14.82
CA GLU B 100 13.24 6.34 13.97
C GLU B 100 13.10 4.95 13.36
N PRO B 101 13.26 4.81 12.04
CA PRO B 101 13.10 3.49 11.42
C PRO B 101 14.00 2.44 12.07
N ASP B 102 13.40 1.27 12.33
CA ASP B 102 14.06 0.13 12.94
C ASP B 102 14.55 0.37 14.36
N ILE B 103 14.25 1.54 14.93
CA ILE B 103 14.64 1.86 16.29
C ILE B 103 13.45 2.20 17.17
N GLY B 104 12.52 2.99 16.67
CA GLY B 104 11.41 3.48 17.48
C GLY B 104 11.81 4.73 18.25
N MET B 105 11.78 4.63 19.58
CA MET B 105 12.08 5.78 20.44
C MET B 105 12.36 5.26 21.84
N PRO B 106 12.91 6.10 22.72
CA PRO B 106 13.17 5.64 24.09
C PRO B 106 11.88 5.24 24.78
N GLU B 107 11.92 4.12 25.48
CA GLU B 107 10.74 3.60 26.15
C GLU B 107 10.02 4.64 26.99
N PRO B 108 10.70 5.52 27.76
CA PRO B 108 9.94 6.51 28.53
C PRO B 108 9.11 7.44 27.66
N ASP B 109 9.62 7.84 26.49
CA ASP B 109 8.83 8.68 25.60
C ASP B 109 7.65 7.91 25.02
N ALA B 110 7.88 6.65 24.62
CA ALA B 110 6.80 5.84 24.09
C ALA B 110 5.71 5.62 25.12
N GLN B 111 6.09 5.43 26.39
CA GLN B 111 5.07 5.25 27.43
C GLN B 111 4.26 6.52 27.63
N ARG B 112 4.92 7.68 27.64
CA ARG B 112 4.18 8.93 27.79
C ARG B 112 3.19 9.12 26.65
N PHE B 113 3.63 8.89 25.42
CA PHE B 113 2.71 8.98 24.29
C PHE B 113 1.57 7.98 24.43
N PHE B 114 1.89 6.75 24.88
CA PHE B 114 0.83 5.75 25.03
C PHE B 114 -0.16 6.16 26.11
N HIS B 115 0.33 6.66 27.25
CA HIS B 115 -0.54 7.21 28.29
C HIS B 115 -1.51 8.22 27.70
N GLN B 116 -0.97 9.20 26.97
CA GLN B 116 -1.79 10.27 26.42
C GLN B 116 -2.74 9.75 25.35
N LEU B 117 -2.26 8.84 24.50
CA LEU B 117 -3.15 8.22 23.51
C LEU B 117 -4.31 7.51 24.20
N MET B 118 -4.03 6.80 25.30
CA MET B 118 -5.09 6.10 26.02
C MET B 118 -6.07 7.08 26.64
N ALA B 119 -5.56 8.18 27.21
CA ALA B 119 -6.45 9.19 27.78
C ALA B 119 -7.39 9.75 26.71
N GLY B 120 -6.86 9.99 25.51
CA GLY B 120 -7.71 10.48 24.44
C GLY B 120 -8.74 9.47 24.00
N VAL B 121 -8.33 8.21 23.83
CA VAL B 121 -9.27 7.19 23.36
C VAL B 121 -10.33 6.93 24.42
N VAL B 122 -9.92 6.81 25.69
CA VAL B 122 -10.88 6.62 26.77
C VAL B 122 -11.95 7.70 26.71
N TYR B 123 -11.51 8.96 26.56
CA TYR B 123 -12.44 10.07 26.48
C TYR B 123 -13.42 9.89 25.31
N LEU B 124 -12.88 9.61 24.12
CA LEU B 124 -13.74 9.41 22.95
C LEU B 124 -14.76 8.31 23.22
N HIS B 125 -14.29 7.13 23.63
CA HIS B 125 -15.20 6.03 23.87
C HIS B 125 -16.20 6.37 24.96
N GLY B 126 -15.77 7.13 25.97
CA GLY B 126 -16.67 7.49 27.05
C GLY B 126 -17.88 8.28 26.59
N ILE B 127 -17.73 9.07 25.53
CA ILE B 127 -18.84 9.84 24.99
C ILE B 127 -19.41 9.20 23.72
N GLY B 128 -19.04 7.96 23.42
CA GLY B 128 -19.69 7.20 22.37
C GLY B 128 -19.09 7.36 21.00
N ILE B 129 -17.86 7.85 20.89
CA ILE B 129 -17.22 8.11 19.61
C ILE B 129 -16.08 7.11 19.42
N THR B 130 -16.01 6.53 18.23
CA THR B 130 -14.87 5.73 17.82
C THR B 130 -14.15 6.47 16.69
N HIS B 131 -12.83 6.53 16.77
CA HIS B 131 -12.05 7.26 15.77
C HIS B 131 -11.99 6.49 14.46
N ARG B 132 -11.72 5.19 14.54
CA ARG B 132 -11.73 4.23 13.43
C ARG B 132 -10.49 4.27 12.53
N ASP B 133 -9.53 5.16 12.79
CA ASP B 133 -8.33 5.21 11.96
C ASP B 133 -7.15 5.71 12.80
N ILE B 134 -6.95 5.11 13.97
CA ILE B 134 -5.83 5.51 14.80
C ILE B 134 -4.53 5.01 14.17
N LYS B 135 -3.59 5.92 13.96
CA LYS B 135 -2.27 5.62 13.42
C LYS B 135 -1.39 6.85 13.67
N PRO B 136 -0.06 6.69 13.62
CA PRO B 136 0.80 7.83 13.98
C PRO B 136 0.58 9.06 13.11
N GLU B 137 0.17 8.87 11.85
CA GLU B 137 -0.16 10.01 10.99
C GLU B 137 -1.29 10.85 11.57
N ASN B 138 -2.17 10.23 12.36
CA ASN B 138 -3.31 10.93 12.95
C ASN B 138 -3.08 11.25 14.43
N LEU B 139 -1.82 11.25 14.87
CA LEU B 139 -1.45 11.58 16.24
C LEU B 139 -0.42 12.72 16.15
N LEU B 140 -0.89 13.93 16.40
CA LEU B 140 -0.09 15.14 16.25
C LEU B 140 0.45 15.60 17.60
N LEU B 141 1.46 16.48 17.55
CA LEU B 141 2.12 16.99 18.74
C LEU B 141 2.05 18.51 18.78
N ASP B 142 1.75 19.06 19.95
CA ASP B 142 1.72 20.51 20.14
C ASP B 142 3.13 21.00 20.49
N GLU B 143 3.23 22.27 20.88
CA GLU B 143 4.53 22.89 21.15
C GLU B 143 5.26 22.27 22.33
N ARG B 144 4.59 21.45 23.13
CA ARG B 144 5.22 20.76 24.25
C ARG B 144 5.22 19.26 24.06
N ASP B 145 5.04 18.79 22.83
CA ASP B 145 5.02 17.37 22.49
C ASP B 145 3.93 16.62 23.25
N ASN B 146 2.82 17.30 23.54
CA ASN B 146 1.62 16.60 23.98
C ASN B 146 0.93 15.98 22.78
N LEU B 147 0.50 14.72 22.93
CA LEU B 147 -0.13 13.99 21.85
C LEU B 147 -1.59 14.39 21.71
N LYS B 148 -2.04 14.58 20.47
CA LYS B 148 -3.41 14.99 20.20
C LYS B 148 -3.98 14.16 19.05
N ILE B 149 -5.08 13.47 19.33
CA ILE B 149 -5.76 12.67 18.33
C ILE B 149 -6.39 13.59 17.30
N SER B 150 -6.20 13.25 16.01
CA SER B 150 -6.52 14.15 14.91
C SER B 150 -7.34 13.45 13.84
N ASP B 151 -8.19 14.24 13.18
CA ASP B 151 -8.91 13.81 11.99
C ASP B 151 -10.04 12.83 12.30
N PHE B 152 -11.25 13.35 12.48
CA PHE B 152 -12.43 12.55 12.77
C PHE B 152 -13.32 12.34 11.55
N GLY B 153 -12.72 12.32 10.36
CA GLY B 153 -13.48 12.12 9.13
C GLY B 153 -14.02 10.72 8.96
N LEU B 154 -13.42 9.73 9.62
CA LEU B 154 -13.94 8.37 9.61
C LEU B 154 -14.65 8.01 10.92
N ALA B 155 -14.61 8.91 11.90
CA ALA B 155 -15.19 8.62 13.20
C ALA B 155 -16.71 8.48 13.09
N THR B 156 -17.29 7.80 14.08
CA THR B 156 -18.73 7.61 14.08
C THR B 156 -19.22 7.39 15.51
N VAL B 157 -20.52 7.58 15.69
CA VAL B 157 -21.17 7.39 16.98
C VAL B 157 -21.63 5.95 17.09
N PHE B 158 -21.11 5.23 18.08
CA PHE B 158 -21.52 3.85 18.34
C PHE B 158 -22.33 3.70 19.61
N ARG B 159 -22.43 4.76 20.42
CA ARG B 159 -23.18 4.75 21.66
C ARG B 159 -23.94 6.07 21.72
N TYR B 160 -25.26 6.00 21.82
CA TYR B 160 -26.10 7.17 21.62
C TYR B 160 -27.39 7.00 22.39
N ASN B 161 -27.67 7.94 23.29
CA ASN B 161 -28.99 8.05 23.91
C ASN B 161 -29.40 6.74 24.58
N ASN B 162 -28.53 6.23 25.43
CA ASN B 162 -28.74 4.97 26.14
C ASN B 162 -28.77 3.78 25.20
N ARG B 163 -28.21 3.92 23.99
CA ARG B 163 -28.23 2.88 22.98
C ARG B 163 -26.81 2.63 22.49
N GLU B 164 -26.62 1.50 21.82
CA GLU B 164 -25.33 1.13 21.27
C GLU B 164 -25.55 0.26 20.04
N ARG B 165 -24.63 0.36 19.08
CA ARG B 165 -24.77 -0.38 17.84
C ARG B 165 -23.44 -0.98 17.43
N LEU B 166 -23.51 -2.14 16.80
CA LEU B 166 -22.35 -2.74 16.15
C LEU B 166 -22.09 -2.04 14.82
N LEU B 167 -20.82 -1.94 14.46
CA LEU B 167 -20.45 -1.42 13.16
C LEU B 167 -20.35 -2.55 12.15
N ASN B 168 -20.39 -2.18 10.87
CA ASN B 168 -20.31 -3.18 9.81
C ASN B 168 -19.53 -2.70 8.60
N LYS B 169 -19.09 -1.45 8.55
CA LYS B 169 -18.33 -0.93 7.43
C LYS B 169 -16.83 -1.06 7.70
N MET B 170 -16.11 -1.57 6.72
CA MET B 170 -14.66 -1.63 6.84
C MET B 170 -14.07 -0.27 6.49
N CYS B 171 -13.18 0.20 7.35
CA CYS B 171 -12.43 1.42 7.07
C CYS B 171 -11.21 1.39 7.97
N GLY B 172 -10.31 2.35 7.74
CA GLY B 172 -9.05 2.40 8.44
C GLY B 172 -7.89 2.20 7.49
N THR B 173 -6.81 1.63 8.03
CA THR B 173 -5.54 1.52 7.32
C THR B 173 -4.97 0.14 7.62
N LEU B 174 -4.73 -0.63 6.55
CA LEU B 174 -4.55 -2.07 6.68
C LEU B 174 -3.53 -2.49 7.74
N PRO B 175 -2.34 -1.91 7.82
CA PRO B 175 -1.41 -2.33 8.87
C PRO B 175 -1.95 -2.12 10.27
N TYR B 176 -2.93 -1.23 10.45
CA TYR B 176 -3.43 -0.89 11.76
C TYR B 176 -4.80 -1.48 12.07
N VAL B 177 -5.46 -2.09 11.09
CA VAL B 177 -6.83 -2.53 11.25
C VAL B 177 -6.86 -3.84 12.02
N ALA B 178 -7.89 -4.01 12.86
CA ALA B 178 -8.06 -5.23 13.63
C ALA B 178 -8.59 -6.35 12.74
N PRO B 179 -8.28 -7.61 13.08
CA PRO B 179 -8.65 -8.71 12.17
C PRO B 179 -10.14 -8.92 12.03
N GLU B 180 -10.95 -8.57 13.03
CA GLU B 180 -12.39 -8.79 12.89
C GLU B 180 -12.97 -7.92 11.77
N LEU B 181 -12.32 -6.81 11.42
CA LEU B 181 -12.82 -6.00 10.32
C LEU B 181 -12.68 -6.71 8.98
N LEU B 182 -11.69 -7.58 8.85
CA LEU B 182 -11.48 -8.35 7.62
C LEU B 182 -12.26 -9.65 7.61
N LYS B 183 -12.83 -10.07 8.74
CA LYS B 183 -13.41 -11.40 8.88
C LYS B 183 -14.89 -11.36 9.19
N ARG B 184 -15.31 -10.53 10.13
CA ARG B 184 -16.69 -10.52 10.60
C ARG B 184 -17.54 -9.55 9.80
N ARG B 185 -18.83 -9.85 9.72
CA ARG B 185 -19.77 -8.92 9.13
C ARG B 185 -20.11 -7.79 10.10
N GLU B 186 -20.00 -8.04 11.40
CA GLU B 186 -20.32 -7.05 12.43
C GLU B 186 -19.32 -7.18 13.58
N PHE B 187 -19.08 -6.05 14.26
CA PHE B 187 -18.07 -6.02 15.32
C PHE B 187 -18.29 -4.81 16.21
N HIS B 188 -17.87 -4.92 17.46
CA HIS B 188 -17.91 -3.79 18.37
C HIS B 188 -16.82 -2.78 18.03
N ALA B 189 -17.12 -1.50 18.28
CA ALA B 189 -16.20 -0.44 17.89
C ALA B 189 -14.96 -0.38 18.77
N GLU B 190 -15.13 -0.54 20.08
CA GLU B 190 -14.02 -0.21 21.00
C GLU B 190 -12.83 -1.13 20.82
N PRO B 191 -12.98 -2.45 20.74
CA PRO B 191 -11.79 -3.30 20.55
C PRO B 191 -11.00 -2.97 19.29
N VAL B 192 -11.66 -2.40 18.27
CA VAL B 192 -10.94 -2.04 17.05
C VAL B 192 -9.93 -0.93 17.35
N ASP B 193 -10.38 0.13 18.02
CA ASP B 193 -9.47 1.22 18.38
C ASP B 193 -8.36 0.73 19.30
N VAL B 194 -8.68 -0.16 20.24
CA VAL B 194 -7.66 -0.71 21.14
C VAL B 194 -6.57 -1.40 20.33
N TRP B 195 -6.97 -2.19 19.35
CA TRP B 195 -6.02 -2.90 18.50
C TRP B 195 -5.07 -1.93 17.81
N SER B 196 -5.61 -0.88 17.19
CA SER B 196 -4.75 0.04 16.45
C SER B 196 -3.80 0.79 17.38
N CYS B 197 -4.23 1.04 18.63
CA CYS B 197 -3.31 1.60 19.62
C CYS B 197 -2.15 0.65 19.89
N GLY B 198 -2.40 -0.66 19.86
CA GLY B 198 -1.33 -1.61 20.04
C GLY B 198 -0.36 -1.63 18.87
N ILE B 199 -0.84 -1.40 17.65
CA ILE B 199 0.07 -1.30 16.52
C ILE B 199 0.90 -0.03 16.65
N VAL B 200 0.28 1.06 17.10
CA VAL B 200 1.03 2.30 17.28
C VAL B 200 2.12 2.11 18.32
N LEU B 201 1.82 1.40 19.42
CA LEU B 201 2.82 1.16 20.45
C LEU B 201 3.98 0.32 19.92
N THR B 202 3.67 -0.73 19.16
CA THR B 202 4.70 -1.52 18.49
C THR B 202 5.62 -0.63 17.67
N ALA B 203 5.03 0.26 16.86
CA ALA B 203 5.84 1.12 16.01
C ALA B 203 6.72 2.06 16.83
N MET B 204 6.20 2.55 17.96
CA MET B 204 6.98 3.44 18.80
C MET B 204 8.17 2.73 19.44
N LEU B 205 8.02 1.45 19.77
CA LEU B 205 9.06 0.72 20.49
C LEU B 205 10.00 -0.04 19.58
N ALA B 206 9.69 -0.18 18.29
CA ALA B 206 10.51 -1.00 17.39
C ALA B 206 10.84 -0.32 16.08
N GLY B 207 10.25 0.83 15.78
CA GLY B 207 10.56 1.53 14.54
C GLY B 207 10.12 0.80 13.29
N GLU B 208 9.13 -0.09 13.41
CA GLU B 208 8.61 -0.77 12.23
C GLU B 208 7.23 -1.32 12.55
N LEU B 209 6.44 -1.50 11.51
CA LEU B 209 5.12 -2.09 11.70
C LEU B 209 5.20 -3.61 11.61
N PRO B 210 4.39 -4.32 12.37
CA PRO B 210 4.56 -5.77 12.46
C PRO B 210 4.03 -6.58 11.27
N TRP B 211 3.03 -6.07 10.54
CA TRP B 211 2.51 -6.82 9.40
C TRP B 211 1.79 -5.90 8.43
N ASP B 212 1.70 -6.37 7.19
CA ASP B 212 0.96 -5.62 6.18
C ASP B 212 -0.54 -5.59 6.49
N GLN B 213 -1.05 -6.67 7.04
CA GLN B 213 -2.45 -6.76 7.43
C GLN B 213 -2.62 -8.00 8.30
N PRO B 214 -3.60 -8.02 9.19
CA PRO B 214 -3.78 -9.17 10.09
C PRO B 214 -4.60 -10.28 9.46
N SER B 215 -4.06 -10.86 8.38
CA SER B 215 -4.70 -11.93 7.65
C SER B 215 -3.91 -13.22 7.83
N ASP B 216 -4.60 -14.36 7.74
CA ASP B 216 -3.90 -15.64 7.74
C ASP B 216 -2.90 -15.70 6.59
N SER B 217 -3.17 -14.97 5.51
CA SER B 217 -2.28 -14.95 4.36
C SER B 217 -0.96 -14.26 4.64
N CYS B 218 -0.88 -13.45 5.69
CA CYS B 218 0.30 -12.64 5.98
C CYS B 218 1.18 -13.41 6.95
N GLN B 219 2.37 -13.81 6.48
CA GLN B 219 3.23 -14.67 7.28
C GLN B 219 3.62 -14.00 8.60
N GLU B 220 3.91 -12.69 8.56
CA GLU B 220 4.31 -11.99 9.78
C GLU B 220 3.21 -12.06 10.83
N TYR B 221 1.96 -11.95 10.41
CA TYR B 221 0.86 -12.07 11.36
C TYR B 221 0.78 -13.48 11.92
N SER B 222 0.96 -14.49 11.07
CA SER B 222 0.90 -15.87 11.55
C SER B 222 2.06 -16.18 12.49
N ASP B 223 3.23 -15.60 12.23
CA ASP B 223 4.35 -15.79 13.16
C ASP B 223 4.01 -15.25 14.55
N TRP B 224 3.31 -14.12 14.61
CA TRP B 224 2.89 -13.57 15.89
C TRP B 224 1.91 -14.49 16.60
N LYS B 225 0.95 -15.05 15.86
CA LYS B 225 0.00 -15.95 16.49
C LYS B 225 0.66 -17.24 16.93
N GLU B 226 1.71 -17.67 16.24
CA GLU B 226 2.53 -18.78 16.72
C GLU B 226 3.55 -18.33 17.75
N LYS B 227 3.49 -17.07 18.18
CA LYS B 227 4.25 -16.56 19.32
C LYS B 227 5.75 -16.64 19.08
N LYS B 228 6.16 -16.48 17.83
CA LYS B 228 7.58 -16.44 17.46
C LYS B 228 8.14 -15.05 17.81
N THR B 229 8.19 -14.78 19.12
CA THR B 229 8.66 -13.49 19.63
C THR B 229 10.16 -13.30 19.49
N TYR B 230 10.89 -14.31 19.02
CA TYR B 230 12.31 -14.19 18.74
C TYR B 230 12.60 -13.51 17.42
N LEU B 231 11.57 -13.17 16.65
CA LEU B 231 11.72 -12.43 15.40
C LEU B 231 11.53 -10.94 15.65
N ASN B 232 11.88 -10.15 14.64
CA ASN B 232 11.55 -8.74 14.68
C ASN B 232 10.07 -8.55 14.34
N PRO B 233 9.44 -7.47 14.84
CA PRO B 233 9.97 -6.40 15.69
C PRO B 233 10.01 -6.76 17.17
N TRP B 234 9.39 -7.89 17.53
CA TRP B 234 9.21 -8.22 18.95
C TRP B 234 10.54 -8.32 19.66
N LYS B 235 11.57 -8.83 18.97
CA LYS B 235 12.89 -8.99 19.56
C LYS B 235 13.43 -7.69 20.13
N LYS B 236 13.01 -6.55 19.58
CA LYS B 236 13.51 -5.26 20.01
C LYS B 236 12.76 -4.70 21.21
N ILE B 237 11.66 -5.34 21.63
CA ILE B 237 10.75 -4.79 22.63
C ILE B 237 10.98 -5.52 23.94
N ASP B 238 11.16 -4.76 25.01
CA ASP B 238 11.41 -5.33 26.32
C ASP B 238 10.19 -6.13 26.81
N SER B 239 10.45 -7.03 27.76
CA SER B 239 9.46 -8.03 28.13
C SER B 239 8.19 -7.39 28.70
N ALA B 240 8.32 -6.29 29.45
CA ALA B 240 7.13 -5.68 30.04
C ALA B 240 6.21 -5.08 28.98
N PRO B 241 6.66 -4.21 28.09
CA PRO B 241 5.75 -3.72 27.04
C PRO B 241 5.28 -4.82 26.11
N LEU B 242 6.12 -5.81 25.82
CA LEU B 242 5.71 -6.92 24.97
C LEU B 242 4.58 -7.73 25.60
N ALA B 243 4.57 -7.85 26.93
CA ALA B 243 3.48 -8.55 27.59
C ALA B 243 2.16 -7.81 27.40
N LEU B 244 2.18 -6.48 27.43
CA LEU B 244 0.99 -5.71 27.12
C LEU B 244 0.56 -5.92 25.67
N LEU B 245 1.53 -5.98 24.76
CA LEU B 245 1.18 -6.20 23.35
C LEU B 245 0.54 -7.57 23.15
N HIS B 246 0.98 -8.58 23.91
CA HIS B 246 0.34 -9.88 23.86
C HIS B 246 -1.13 -9.82 24.29
N LYS B 247 -1.48 -8.86 25.13
CA LYS B 247 -2.87 -8.71 25.59
C LYS B 247 -3.68 -7.83 24.66
N ILE B 248 -3.03 -6.92 23.93
CA ILE B 248 -3.76 -6.07 22.99
C ILE B 248 -3.96 -6.79 21.66
N LEU B 249 -2.89 -7.30 21.07
CA LEU B 249 -2.96 -7.84 19.71
C LEU B 249 -3.45 -9.28 19.75
N VAL B 250 -4.66 -9.43 20.31
CA VAL B 250 -5.34 -10.70 20.44
C VAL B 250 -6.42 -10.77 19.38
N GLU B 251 -6.46 -11.89 18.64
CA GLU B 251 -7.28 -11.96 17.44
C GLU B 251 -8.77 -11.86 17.76
N ASN B 252 -9.23 -12.61 18.75
CA ASN B 252 -10.63 -12.61 19.14
C ASN B 252 -10.93 -11.35 19.94
N PRO B 253 -11.76 -10.44 19.40
CA PRO B 253 -11.98 -9.16 20.11
C PRO B 253 -12.61 -9.33 21.48
N SER B 254 -13.36 -10.40 21.70
CA SER B 254 -13.96 -10.64 23.00
C SER B 254 -12.93 -11.05 24.04
N ALA B 255 -11.79 -11.58 23.62
CA ALA B 255 -10.69 -11.92 24.51
C ALA B 255 -9.67 -10.79 24.62
N ARG B 256 -9.82 -9.73 23.84
CA ARG B 256 -8.84 -8.66 23.79
C ARG B 256 -8.95 -7.77 25.02
N ILE B 257 -7.79 -7.29 25.49
CA ILE B 257 -7.78 -6.49 26.71
C ILE B 257 -8.54 -5.18 26.49
N THR B 258 -9.28 -4.77 27.51
CA THR B 258 -10.00 -3.51 27.48
C THR B 258 -9.15 -2.43 28.14
N ILE B 259 -9.53 -1.17 27.93
CA ILE B 259 -8.68 -0.07 28.38
C ILE B 259 -8.64 -0.04 29.90
N PRO B 260 -9.75 -0.28 30.61
CA PRO B 260 -9.65 -0.38 32.08
C PRO B 260 -8.60 -1.37 32.55
N ASP B 261 -8.44 -2.49 31.85
CA ASP B 261 -7.42 -3.46 32.24
C ASP B 261 -6.04 -3.09 31.71
N ILE B 262 -5.97 -2.34 30.59
CA ILE B 262 -4.69 -1.78 30.19
C ILE B 262 -4.13 -0.91 31.30
N LYS B 263 -4.98 -0.07 31.90
CA LYS B 263 -4.55 0.80 32.99
C LYS B 263 -4.07 0.04 34.22
N LYS B 264 -4.28 -1.27 34.28
CA LYS B 264 -3.76 -2.11 35.35
C LYS B 264 -2.47 -2.82 34.97
N ASP B 265 -1.92 -2.53 33.80
CA ASP B 265 -0.82 -3.31 33.25
C ASP B 265 0.51 -2.90 33.86
N ARG B 266 1.39 -3.90 34.02
N ARG B 266 1.38 -3.91 34.02
CA ARG B 266 2.66 -3.66 34.69
CA ARG B 266 2.68 -3.71 34.66
C ARG B 266 3.45 -2.56 34.00
C ARG B 266 3.46 -2.58 34.00
N TRP B 267 3.68 -2.69 32.69
CA TRP B 267 4.45 -1.67 31.97
C TRP B 267 3.73 -0.33 31.97
N TYR B 268 2.41 -0.35 31.78
CA TYR B 268 1.63 0.89 31.79
C TYR B 268 1.88 1.69 33.06
N ASN B 269 2.09 1.01 34.19
CA ASN B 269 2.24 1.66 35.48
C ASN B 269 3.70 1.74 35.93
N LYS B 270 4.64 1.39 35.07
CA LYS B 270 6.06 1.43 35.43
C LYS B 270 6.56 2.87 35.43
N PRO B 271 7.12 3.37 36.54
CA PRO B 271 7.71 4.72 36.52
C PRO B 271 8.97 4.74 35.68
N LEU B 272 8.97 5.55 34.64
CA LEU B 272 10.10 5.65 33.71
C LEU B 272 10.61 7.08 33.64
PG AGS C . 9.04 -15.13 -26.61
S1G AGS C . 8.59 -13.67 -28.02
O2G AGS C . 9.99 -14.51 -25.47
O3G AGS C . 9.75 -16.28 -27.23
PB AGS C . 6.98 -14.94 -24.68
O1B AGS C . 5.57 -14.56 -25.06
O2B AGS C . 7.92 -13.89 -24.15
O3B AGS C . 7.67 -15.66 -25.95
PA AGS C . 6.69 -16.24 -22.12
O1A AGS C . 7.94 -16.66 -21.38
O2A AGS C . 5.93 -14.99 -21.77
O3A AGS C . 6.97 -16.24 -23.72
O5' AGS C . 5.66 -17.47 -22.12
C5' AGS C . 4.46 -17.34 -22.86
C4' AGS C . 3.31 -17.92 -22.09
O4' AGS C . 3.60 -19.25 -21.60
C3' AGS C . 2.92 -17.11 -20.85
O3' AGS C . 2.14 -15.98 -21.13
C2' AGS C . 2.19 -18.17 -20.02
O2' AGS C . 0.84 -18.32 -20.45
C1' AGS C . 2.95 -19.46 -20.35
N9 AGS C . 3.93 -19.68 -19.28
C8 AGS C . 5.21 -19.24 -19.32
N7 AGS C . 5.87 -19.60 -18.20
C5 AGS C . 5.00 -20.27 -17.42
C6 AGS C . 5.07 -20.89 -16.10
N6 AGS C . 6.25 -20.84 -15.45
N1 AGS C . 3.96 -21.49 -15.61
C2 AGS C . 2.81 -21.52 -16.32
N3 AGS C . 2.67 -20.95 -17.53
C4 AGS C . 3.72 -20.32 -18.13
HOG2 AGS C . 10.86 -14.15 -25.71
H5'1 AGS C . 4.27 -16.28 -23.07
H5'2 AGS C . 4.56 -17.85 -23.82
H4' AGS C . 2.49 -17.93 -22.82
H3' AGS C . 3.78 -16.65 -20.33
H2' AGS C . 2.17 -17.92 -18.95
HO2' AGS C . 0.31 -17.63 -20.04
H1' AGS C . 2.28 -20.32 -20.41
H8 AGS C . 5.64 -18.68 -20.14
HN61 AGS C . 6.35 -21.26 -14.56
HN62 AGS C . 7.03 -20.38 -15.88
H2 AGS C . 1.95 -22.02 -15.89
HSG AGS C . 7.95 -12.67 -27.42
MG MG D . 6.75 -12.92 -22.07
MG MG E . 9.66 -13.59 -23.68
C1 EDO F . 19.98 3.75 -7.03
O1 EDO F . 20.80 2.79 -6.36
C2 EDO F . 18.75 3.06 -7.62
O2 EDO F . 18.00 2.44 -6.55
H11 EDO F . 20.55 4.23 -7.83
H12 EDO F . 19.67 4.54 -6.33
HO1 EDO F . 21.59 3.23 -6.01
H21 EDO F . 19.06 2.31 -8.34
H22 EDO F . 18.13 3.80 -8.13
HO2 EDO F . 17.13 2.19 -6.89
C1 EDO G . 21.55 -4.81 -23.07
O1 EDO G . 21.23 -4.00 -24.21
C2 EDO G . 20.95 -4.20 -21.80
O2 EDO G . 20.42 -2.90 -22.09
H11 EDO G . 22.64 -4.89 -22.97
H12 EDO G . 21.16 -5.82 -23.22
HO1 EDO G . 21.62 -4.38 -25.00
H21 EDO G . 21.74 -4.12 -21.04
H22 EDO G . 20.17 -4.86 -21.42
HO2 EDO G . 20.03 -2.54 -21.28
C1 EDO H . 23.73 -4.66 -6.17
O1 EDO H . 24.24 -3.48 -5.53
C2 EDO H . 22.35 -5.01 -5.62
O2 EDO H . 21.53 -3.85 -5.49
H11 EDO H . 24.42 -5.49 -6.00
H12 EDO H . 23.66 -4.49 -7.24
HO1 EDO H . 25.20 -3.54 -5.46
H21 EDO H . 22.46 -5.49 -4.64
H22 EDO H . 21.87 -5.73 -6.28
HO2 EDO H . 20.68 -4.09 -5.09
C1 EDO I . -6.28 -5.42 -21.78
O1 EDO I . -7.50 -5.45 -21.02
C2 EDO I . -5.12 -5.02 -20.87
O2 EDO I . -4.34 -6.18 -20.54
H11 EDO I . -6.37 -4.72 -22.61
H12 EDO I . -6.09 -6.41 -22.21
HO1 EDO I . -8.24 -5.70 -21.59
H21 EDO I . -5.50 -4.57 -19.96
H22 EDO I . -4.49 -4.29 -21.39
HO2 EDO I . -3.55 -5.90 -20.04
C1 EDO J . 0.64 -2.79 38.04
O1 EDO J . 1.95 -3.20 38.45
C2 EDO J . -0.39 -3.48 38.93
O2 EDO J . -0.19 -3.04 40.28
H11 EDO J . 0.47 -3.09 37.00
H12 EDO J . 0.53 -1.71 38.11
HO1 EDO J . 2.61 -2.76 37.89
H21 EDO J . -0.29 -4.56 38.87
H22 EDO J . -1.40 -3.21 38.61
HO2 EDO J . -0.84 -3.47 40.86
C1 EDO K . 20.34 5.45 16.55
O1 EDO K . 20.52 5.43 15.13
C2 EDO K . 19.83 6.81 17.00
O2 EDO K . 19.06 6.68 18.20
H11 EDO K . 21.28 5.23 17.04
H12 EDO K . 19.62 4.68 16.85
HO1 EDO K . 20.84 4.56 14.85
H21 EDO K . 19.21 7.26 16.21
H22 EDO K . 20.67 7.48 17.17
HO2 EDO K . 18.74 7.55 18.47
C1 EDO L . 1.86 3.13 5.99
O1 EDO L . 1.73 4.45 5.44
C2 EDO L . 0.97 3.04 7.23
O2 EDO L . 1.52 3.90 8.24
H11 EDO L . 2.90 2.94 6.27
H12 EDO L . 1.56 2.39 5.25
HO1 EDO L . 2.35 4.56 4.71
H21 EDO L . 0.94 2.01 7.59
H22 EDO L . -0.05 3.35 6.99
HO2 EDO L . 0.85 4.05 8.92
C1 EDO M . -2.10 5.37 4.30
O1 EDO M . -3.48 5.72 4.49
C2 EDO M . -1.21 6.24 5.17
O2 EDO M . -1.60 6.09 6.54
H11 EDO M . -1.83 5.50 3.24
H12 EDO M . -1.94 4.32 4.55
HO1 EDO M . -4.04 5.13 3.97
H21 EDO M . -1.30 7.28 4.87
H22 EDO M . -0.16 5.95 5.05
HO2 EDO M . -1.04 6.66 7.09
C1 EDO N . -0.53 -4.20 1.99
O1 EDO N . -0.86 -5.50 2.48
C2 EDO N . -1.33 -3.16 2.77
O2 EDO N . -0.65 -2.88 3.99
H11 EDO N . -0.76 -4.13 0.93
H12 EDO N . 0.54 -4.01 2.12
HO1 EDO N . -0.36 -6.17 1.99
H21 EDO N . -2.33 -3.54 2.96
H22 EDO N . -1.43 -2.25 2.18
HO2 EDO N . -1.14 -2.22 4.49
C1 CIT O . -21.35 5.13 10.55
O1 CIT O . -22.53 5.57 10.53
O2 CIT O . -20.41 5.89 10.23
C2 CIT O . -21.08 3.71 10.97
C3 CIT O . -21.20 2.79 9.77
O7 CIT O . -22.60 2.65 9.39
C4 CIT O . -20.44 3.34 8.59
C5 CIT O . -21.31 4.21 7.71
O3 CIT O . -22.17 3.69 6.97
O4 CIT O . -21.18 5.45 7.71
C6 CIT O . -20.61 1.44 10.18
O5 CIT O . -21.32 0.53 10.67
O6 CIT O . -19.39 1.21 10.04
H21 CIT O . -21.79 3.42 11.74
H22 CIT O . -20.08 3.64 11.40
HO7 CIT O . -22.87 1.71 9.45
H41 CIT O . -20.04 2.51 7.99
H42 CIT O . -19.59 3.93 8.94
MG MG P . -8.52 12.97 6.23
#